data_2P11
#
_entry.id   2P11
#
_cell.length_a   80.390
_cell.length_b   68.080
_cell.length_c   88.240
_cell.angle_alpha   90.000
_cell.angle_beta   112.220
_cell.angle_gamma   90.000
#
_symmetry.space_group_name_H-M   'C 1 2 1'
#
loop_
_entity.id
_entity.type
_entity.pdbx_description
1 polymer 'Hypothetical protein'
2 non-polymer 'CHLORIDE ION'
3 non-polymer GLYCEROL
4 water water
#
_entity_poly.entity_id   1
_entity_poly.type   'polypeptide(L)'
_entity_poly.pdbx_seq_one_letter_code
;G(MSE)QATTATPHDIVFLFDCDNTLLDNDHVLADLRAH(MSE)(MSE)REFGAQNSARYWEIFETLRTELGYADYLGAL
QRYRLEQPRDTRLLL(MSE)SSFLIDYPFASRVYPGALNALRHLGARGPTVILSDGDVVFQPRKIARSGLWDEVEGRVLI
YIHKEL(MSE)LDQV(MSE)ECYPARHYV(MSE)VDDKLRILAA(MSE)KKAWGARLTTVFPRQGHYAFDPKEISSHPPA
DVTVERIGDLVE(MSE)DAEWLLAEKR
;
_entity_poly.pdbx_strand_id   A,B
#
loop_
_chem_comp.id
_chem_comp.type
_chem_comp.name
_chem_comp.formula
CL non-polymer 'CHLORIDE ION' 'Cl -1'
GOL non-polymer GLYCEROL 'C3 H8 O3'
#
# COMPACT_ATOMS: atom_id res chain seq x y z
N PRO A 9 -23.10 27.25 6.65
CA PRO A 9 -21.85 26.98 7.36
C PRO A 9 -22.05 26.17 8.65
N HIS A 10 -21.19 26.40 9.64
CA HIS A 10 -21.29 25.72 10.95
C HIS A 10 -20.67 26.62 12.02
N ASP A 11 -21.25 26.62 13.20
CA ASP A 11 -20.72 27.42 14.28
C ASP A 11 -19.30 26.96 14.58
N ILE A 12 -19.08 25.65 14.63
CA ILE A 12 -17.76 25.13 14.95
C ILE A 12 -17.53 23.79 14.28
N VAL A 13 -16.34 23.61 13.70
CA VAL A 13 -15.88 22.30 13.24
C VAL A 13 -14.66 21.90 14.09
N PHE A 14 -14.66 20.65 14.55
CA PHE A 14 -13.57 20.09 15.33
C PHE A 14 -12.73 19.17 14.45
N LEU A 15 -11.50 19.59 14.20
CA LEU A 15 -10.56 18.89 13.34
C LEU A 15 -9.58 18.13 14.21
N PHE A 16 -9.34 16.88 13.85
CA PHE A 16 -8.44 16.05 14.61
C PHE A 16 -7.36 15.43 13.74
N ASP A 17 -6.14 15.50 14.24
CA ASP A 17 -5.07 14.65 13.74
C ASP A 17 -5.33 13.26 14.30
N CYS A 18 -4.75 12.27 13.68
CA CYS A 18 -5.02 10.92 14.03
C CYS A 18 -3.89 10.36 14.89
N ASP A 19 -2.66 10.40 14.38
CA ASP A 19 -1.53 9.74 15.06
C ASP A 19 -1.02 10.46 16.32
N ASN A 20 -0.95 9.73 17.43
CA ASN A 20 -0.61 10.27 18.74
C ASN A 20 -1.54 11.36 19.27
N THR A 21 -2.69 11.52 18.64
CA THR A 21 -3.76 12.37 19.12
C THR A 21 -4.96 11.49 19.49
N LEU A 22 -5.51 10.80 18.49
CA LEU A 22 -6.67 9.91 18.66
C LEU A 22 -6.26 8.46 18.93
N LEU A 23 -5.11 8.08 18.38
CA LEU A 23 -4.65 6.72 18.44
C LEU A 23 -3.13 6.71 18.72
N ASP A 24 -2.67 5.74 19.51
CA ASP A 24 -1.26 5.65 19.90
C ASP A 24 -0.40 5.01 18.80
N ASN A 25 0.16 5.87 17.95
CA ASN A 25 0.99 5.41 16.84
C ASN A 25 2.43 5.05 17.23
N ASP A 26 2.93 5.63 18.32
CA ASP A 26 4.24 5.24 18.78
C ASP A 26 4.25 3.75 19.07
N HIS A 27 3.23 3.27 19.78
CA HIS A 27 3.05 1.84 20.11
C HIS A 27 2.98 0.94 18.85
N VAL A 28 2.23 1.38 17.84
CA VAL A 28 2.25 0.70 16.56
C VAL A 28 3.69 0.58 15.99
N LEU A 29 4.44 1.68 15.98
CA LEU A 29 5.80 1.65 15.43
C LEU A 29 6.72 0.75 16.24
N ALA A 30 6.62 0.81 17.56
CA ALA A 30 7.38 -0.11 18.42
C ALA A 30 7.05 -1.58 18.09
N ASP A 31 5.79 -1.90 17.81
CA ASP A 31 5.39 -3.28 17.51
C ASP A 31 5.93 -3.73 16.15
N LEU A 32 5.78 -2.85 15.15
CA LEU A 32 6.38 -3.03 13.83
C LEU A 32 7.88 -3.25 13.93
N ARG A 33 8.61 -2.31 14.52
CA ARG A 33 10.05 -2.49 14.53
C ARG A 33 10.40 -3.86 15.13
N ALA A 34 9.74 -4.26 16.22
CA ALA A 34 10.11 -5.54 16.89
C ALA A 34 9.79 -6.71 15.95
N HIS A 35 8.65 -6.65 15.28
CA HIS A 35 8.24 -7.70 14.32
C HIS A 35 9.24 -7.81 13.18
N MSE A 36 9.61 -6.66 12.61
CA MSE A 36 10.46 -6.66 11.43
C MSE A 36 11.78 -7.32 11.69
O MSE A 36 12.27 -8.11 10.87
CB MSE A 36 10.68 -5.25 10.89
CG MSE A 36 9.54 -4.84 10.08
SE MSE A 36 9.78 -3.09 9.49
CE MSE A 36 11.36 -3.35 8.44
N MSE A 37 12.37 -7.02 12.83
CA MSE A 37 13.62 -7.62 13.20
C MSE A 37 13.52 -9.14 13.36
O MSE A 37 14.38 -9.89 12.88
CB MSE A 37 14.09 -7.04 14.52
CG MSE A 37 14.65 -5.63 14.41
SE MSE A 37 15.19 -5.15 16.22
CE MSE A 37 13.45 -4.07 16.83
N ARG A 38 12.47 -9.59 14.05
CA ARG A 38 12.16 -11.03 14.18
C ARG A 38 11.97 -11.72 12.82
N GLU A 39 11.26 -11.11 11.87
CA GLU A 39 10.98 -11.81 10.61
C GLU A 39 12.08 -11.63 9.58
N PHE A 40 12.69 -10.44 9.54
CA PHE A 40 13.55 -10.08 8.40
C PHE A 40 15.04 -9.92 8.73
N GLY A 41 15.39 -9.93 10.00
CA GLY A 41 16.77 -9.77 10.37
C GLY A 41 17.08 -8.40 10.90
N ALA A 42 17.92 -8.37 11.93
CA ALA A 42 18.44 -7.15 12.52
C ALA A 42 19.06 -6.21 11.47
N GLN A 43 20.04 -6.69 10.70
CA GLN A 43 20.74 -5.87 9.71
C GLN A 43 19.75 -5.30 8.68
N ASN A 44 18.89 -6.15 8.16
CA ASN A 44 17.95 -5.79 7.11
C ASN A 44 16.91 -4.76 7.55
N SER A 45 16.39 -4.96 8.75
CA SER A 45 15.42 -4.07 9.33
C SER A 45 16.09 -2.77 9.77
N ALA A 46 17.31 -2.83 10.32
CA ALA A 46 17.99 -1.58 10.64
C ALA A 46 18.07 -0.68 9.39
N ARG A 47 18.37 -1.29 8.26
CA ARG A 47 18.62 -0.52 7.06
C ARG A 47 17.36 0.12 6.59
N TYR A 48 16.25 -0.61 6.61
CA TYR A 48 14.96 -0.04 6.14
C TYR A 48 14.68 1.20 7.02
N TRP A 49 15.04 1.16 8.32
CA TRP A 49 14.67 2.26 9.24
C TRP A 49 15.53 3.46 8.99
N GLU A 50 16.78 3.24 8.62
CA GLU A 50 17.64 4.31 8.20
C GLU A 50 17.03 5.06 7.00
N ILE A 51 16.49 4.34 6.02
CA ILE A 51 15.75 4.98 4.89
C ILE A 51 14.44 5.66 5.39
N PHE A 52 13.61 4.95 6.16
CA PHE A 52 12.35 5.50 6.74
C PHE A 52 12.53 6.74 7.60
N GLU A 53 13.78 7.08 7.94
CA GLU A 53 14.10 8.17 8.87
C GLU A 53 14.59 9.40 8.15
N THR A 54 15.31 9.21 7.05
CA THR A 54 15.41 10.30 6.10
C THR A 54 14.01 10.76 5.60
N LEU A 55 13.15 9.80 5.26
CA LEU A 55 11.84 10.10 4.68
C LEU A 55 10.91 10.77 5.69
N ARG A 56 10.92 10.24 6.91
CA ARG A 56 10.26 10.91 8.04
C ARG A 56 10.85 12.28 8.21
N THR A 57 12.15 12.41 7.93
CA THR A 57 12.79 13.71 7.88
C THR A 57 12.09 14.64 6.89
N GLU A 58 12.03 14.24 5.61
CA GLU A 58 11.65 15.19 4.52
C GLU A 58 10.20 15.65 4.47
N LEU A 59 9.28 14.80 4.95
CA LEU A 59 7.85 15.00 4.73
C LEU A 59 7.24 15.82 5.86
N TYR A 61 6.43 13.30 7.92
CA TYR A 61 5.56 12.24 8.44
C TYR A 61 5.98 10.86 7.92
N ALA A 62 5.43 9.82 8.56
CA ALA A 62 5.75 8.43 8.25
C ALA A 62 5.41 8.07 6.79
N ASP A 63 6.48 7.71 6.09
CA ASP A 63 6.51 7.40 4.67
C ASP A 63 6.89 5.90 4.54
N TYR A 64 6.16 5.02 5.23
CA TYR A 64 6.44 3.60 5.13
C TYR A 64 6.78 3.21 3.66
N LEU A 65 6.02 3.77 2.73
CA LEU A 65 5.97 3.33 1.36
C LEU A 65 7.20 3.67 0.54
N GLY A 66 7.66 4.91 0.62
CA GLY A 66 8.85 5.33 -0.13
C GLY A 66 10.07 4.60 0.40
N ALA A 67 10.08 4.37 1.71
CA ALA A 67 11.17 3.62 2.38
C ALA A 67 11.22 2.22 1.79
N LEU A 68 10.04 1.64 1.53
CA LEU A 68 9.93 0.32 0.90
C LEU A 68 10.45 0.35 -0.51
N GLN A 69 10.01 1.33 -1.30
CA GLN A 69 10.44 1.47 -2.68
C GLN A 69 11.96 1.64 -2.76
N ARG A 70 12.56 2.42 -1.86
CA ARG A 70 14.03 2.59 -1.90
C ARG A 70 14.76 1.37 -1.33
N TYR A 71 14.21 0.74 -0.33
CA TYR A 71 14.79 -0.52 0.14
C TYR A 71 14.87 -1.53 -1.03
N ARG A 72 13.83 -1.61 -1.85
CA ARG A 72 13.84 -2.60 -2.93
C ARG A 72 15.00 -2.38 -3.95
N LEU A 73 15.22 -1.13 -4.35
CA LEU A 73 16.36 -0.77 -5.22
C LEU A 73 17.69 -1.24 -4.59
N GLU A 74 17.81 -1.05 -3.30
CA GLU A 74 19.03 -1.36 -2.62
C GLU A 74 19.20 -2.87 -2.56
N GLN A 75 18.14 -3.59 -2.22
CA GLN A 75 18.19 -5.05 -2.07
C GLN A 75 17.08 -5.71 -2.88
N PRO A 76 17.24 -5.77 -4.20
CA PRO A 76 16.13 -6.31 -5.01
C PRO A 76 15.92 -7.82 -4.85
N ARG A 77 16.90 -8.52 -4.29
CA ARG A 77 16.79 -9.95 -4.01
C ARG A 77 15.87 -10.21 -2.77
N ASP A 78 15.83 -9.25 -1.83
CA ASP A 78 15.07 -9.40 -0.55
C ASP A 78 13.56 -9.09 -0.64
N THR A 79 12.83 -9.93 -1.35
CA THR A 79 11.43 -9.69 -1.57
C THR A 79 10.71 -9.73 -0.23
N ARG A 80 11.26 -10.52 0.67
CA ARG A 80 10.56 -10.92 1.87
C ARG A 80 10.26 -9.72 2.78
N LEU A 81 11.25 -8.83 2.94
CA LEU A 81 11.07 -7.67 3.78
C LEU A 81 9.91 -6.80 3.32
N LEU A 82 9.52 -6.88 2.05
CA LEU A 82 8.32 -6.15 1.59
C LEU A 82 7.04 -6.64 2.26
N LEU A 83 7.06 -7.85 2.84
CA LEU A 83 5.91 -8.38 3.54
C LEU A 83 5.64 -7.70 4.88
N MSE A 84 6.52 -6.79 5.30
CA MSE A 84 6.28 -5.99 6.50
C MSE A 84 4.91 -5.29 6.42
O MSE A 84 4.22 -5.08 7.43
CB MSE A 84 7.40 -4.96 6.73
CG MSE A 84 7.56 -3.92 5.63
SE MSE A 84 6.54 -2.28 5.92
CE MSE A 84 8.01 -1.14 6.42
N SER A 85 4.51 -4.93 5.20
CA SER A 85 3.15 -4.43 4.95
C SER A 85 2.05 -5.28 5.58
N SER A 86 2.25 -6.60 5.66
CA SER A 86 1.25 -7.54 6.20
CA SER A 86 1.18 -7.45 6.14
C SER A 86 1.05 -7.34 7.68
N PHE A 87 2.08 -6.79 8.33
CA PHE A 87 1.93 -6.45 9.74
C PHE A 87 1.00 -5.22 9.87
N LEU A 88 1.24 -4.18 9.08
CA LEU A 88 0.45 -2.95 9.17
C LEU A 88 -0.98 -3.21 8.72
N ILE A 89 -1.12 -3.81 7.56
CA ILE A 89 -2.42 -4.12 7.00
C ILE A 89 -3.31 -4.83 7.98
N ASP A 90 -2.76 -5.72 8.80
CA ASP A 90 -3.57 -6.58 9.66
C ASP A 90 -3.51 -6.19 11.14
N TYR A 91 -2.81 -5.10 11.45
CA TYR A 91 -2.62 -4.64 12.84
C TYR A 91 -3.94 -4.26 13.54
N PRO A 92 -4.09 -4.59 14.84
CA PRO A 92 -5.29 -4.20 15.58
C PRO A 92 -5.33 -2.73 16.03
N PHE A 93 -5.64 -1.84 15.08
CA PHE A 93 -5.66 -0.39 15.32
C PHE A 93 -6.74 0.07 16.26
N ALA A 94 -7.86 -0.64 16.31
CA ALA A 94 -8.91 -0.31 17.26
C ALA A 94 -8.40 -0.43 18.70
N SER A 95 -7.49 -1.36 18.97
CA SER A 95 -6.88 -1.47 20.31
C SER A 95 -5.99 -0.28 20.70
N ARG A 96 -5.58 0.53 19.72
CA ARG A 96 -4.63 1.63 19.97
C ARG A 96 -5.30 2.99 20.19
N VAL A 97 -6.59 3.08 19.88
CA VAL A 97 -7.36 4.29 20.17
C VAL A 97 -7.30 4.60 21.67
N TYR A 98 -6.97 5.84 21.99
CA TYR A 98 -6.77 6.30 23.36
C TYR A 98 -8.07 6.22 24.18
N PRO A 99 -7.96 5.91 25.49
CA PRO A 99 -9.14 5.99 26.35
C PRO A 99 -9.70 7.40 26.32
N GLY A 100 -11.00 7.52 26.13
CA GLY A 100 -11.65 8.82 26.06
C GLY A 100 -11.68 9.42 24.68
N ALA A 101 -10.94 8.86 23.73
CA ALA A 101 -10.90 9.45 22.40
C ALA A 101 -12.26 9.35 21.71
N LEU A 102 -12.91 8.18 21.81
CA LEU A 102 -14.24 8.00 21.21
C LEU A 102 -15.28 8.85 21.93
N ASN A 103 -15.14 8.97 23.25
CA ASN A 103 -16.04 9.82 24.04
C ASN A 103 -15.91 11.28 23.62
N ALA A 104 -14.68 11.76 23.48
CA ALA A 104 -14.44 13.14 23.01
C ALA A 104 -15.08 13.38 21.64
N LEU A 105 -14.91 12.43 20.71
CA LEU A 105 -15.51 12.55 19.38
C LEU A 105 -17.05 12.54 19.43
N ARG A 106 -17.61 11.69 20.28
CA ARG A 106 -19.07 11.66 20.49
C ARG A 106 -19.58 12.97 21.11
N HIS A 107 -18.97 13.35 22.23
CA HIS A 107 -19.30 14.58 22.97
C HIS A 107 -19.22 15.83 22.07
N LEU A 108 -18.08 16.05 21.42
CA LEU A 108 -17.91 17.21 20.56
C LEU A 108 -18.73 17.10 19.26
N GLY A 109 -18.99 15.87 18.82
CA GLY A 109 -19.82 15.64 17.62
C GLY A 109 -21.26 16.13 17.77
N ALA A 110 -21.71 16.27 19.02
CA ALA A 110 -23.06 16.73 19.28
C ALA A 110 -23.15 18.24 19.14
N ARG A 111 -22.00 18.90 19.16
CA ARG A 111 -21.94 20.36 19.12
C ARG A 111 -21.48 20.90 17.75
N GLY A 112 -20.91 20.03 16.92
CA GLY A 112 -20.41 20.42 15.61
C GLY A 112 -19.75 19.25 14.94
N PRO A 113 -19.57 19.32 13.58
CA PRO A 113 -18.96 18.21 12.85
C PRO A 113 -17.56 17.87 13.32
N THR A 114 -17.27 16.58 13.43
CA THR A 114 -15.94 16.10 13.70
C THR A 114 -15.33 15.55 12.40
N VAL A 115 -14.07 15.93 12.15
CA VAL A 115 -13.37 15.68 10.89
C VAL A 115 -11.95 15.24 11.23
N ILE A 116 -11.46 14.19 10.57
CA ILE A 116 -10.08 13.75 10.74
C ILE A 116 -9.25 14.37 9.64
N LEU A 117 -8.22 15.11 10.03
CA LEU A 117 -7.34 15.80 9.07
C LEU A 117 -5.92 15.31 9.32
N SER A 118 -5.41 14.49 8.38
CA SER A 118 -4.22 13.68 8.62
C SER A 118 -3.25 13.80 7.45
N ASP A 119 -1.96 13.78 7.74
CA ASP A 119 -0.95 13.52 6.73
C ASP A 119 -0.84 12.00 6.50
N GLY A 120 -0.53 11.55 5.28
CA GLY A 120 -0.45 10.11 5.05
C GLY A 120 -0.33 9.68 3.61
N ASP A 121 0.00 8.41 3.39
CA ASP A 121 0.08 7.83 2.04
C ASP A 121 -1.29 7.32 1.61
N VAL A 122 -1.37 6.71 0.42
CA VAL A 122 -2.64 6.28 -0.14
C VAL A 122 -3.05 4.86 0.28
N VAL A 123 -2.16 4.11 0.92
CA VAL A 123 -2.50 2.72 1.32
C VAL A 123 -2.69 2.58 2.82
N PHE A 124 -1.63 2.84 3.59
CA PHE A 124 -1.62 2.52 5.01
C PHE A 124 -2.44 3.47 5.86
N GLN A 125 -2.26 4.78 5.67
CA GLN A 125 -3.01 5.72 6.52
C GLN A 125 -4.55 5.57 6.42
N PRO A 126 -5.12 5.50 5.20
CA PRO A 126 -6.58 5.29 5.06
C PRO A 126 -7.05 4.01 5.72
N ARG A 127 -6.36 2.92 5.44
CA ARG A 127 -6.60 1.65 6.10
C ARG A 127 -6.52 1.70 7.63
N LYS A 128 -5.60 2.50 8.16
CA LYS A 128 -5.50 2.70 9.62
C LYS A 128 -6.76 3.39 10.12
N ILE A 129 -7.08 4.50 9.50
CA ILE A 129 -8.23 5.28 9.95
C ILE A 129 -9.50 4.43 9.84
N ALA A 130 -9.64 3.64 8.76
CA ALA A 130 -10.82 2.78 8.55
C ALA A 130 -10.88 1.61 9.51
N ARG A 131 -9.79 0.89 9.66
CA ARG A 131 -9.80 -0.26 10.53
C ARG A 131 -9.74 0.05 12.04
N SER A 132 -9.30 1.25 12.41
CA SER A 132 -9.33 1.67 13.80
C SER A 132 -10.75 1.91 14.27
N GLY A 133 -11.67 2.10 13.33
CA GLY A 133 -13.05 2.44 13.63
C GLY A 133 -13.26 3.94 13.69
N LEU A 134 -12.18 4.72 13.60
CA LEU A 134 -12.29 6.15 13.69
C LEU A 134 -12.97 6.72 12.46
N TRP A 135 -12.70 6.14 11.30
CA TRP A 135 -13.26 6.63 10.04
C TRP A 135 -14.76 6.77 10.14
N ASP A 136 -15.38 5.78 10.76
CA ASP A 136 -16.82 5.67 10.77
C ASP A 136 -17.41 6.39 11.97
N GLU A 137 -16.62 6.52 13.02
CA GLU A 137 -16.96 7.42 14.12
C GLU A 137 -17.15 8.89 13.66
N VAL A 138 -16.37 9.35 12.67
CA VAL A 138 -16.57 10.67 12.07
C VAL A 138 -17.39 10.61 10.77
N GLU A 139 -18.13 9.52 10.58
CA GLU A 139 -19.05 9.37 9.45
C GLU A 139 -18.39 9.62 8.10
N GLY A 140 -17.14 9.18 7.96
CA GLY A 140 -16.40 9.34 6.73
C GLY A 140 -15.87 10.74 6.46
N ARG A 141 -15.94 11.62 7.46
CA ARG A 141 -15.38 12.97 7.34
C ARG A 141 -13.86 12.94 7.58
N VAL A 142 -13.16 12.52 6.53
CA VAL A 142 -11.73 12.25 6.57
C VAL A 142 -11.05 12.89 5.36
N LEU A 143 -10.04 13.72 5.60
CA LEU A 143 -9.16 14.23 4.55
C LEU A 143 -7.72 13.82 4.86
N ILE A 144 -7.03 13.27 3.87
CA ILE A 144 -5.64 12.78 4.04
C ILE A 144 -4.73 13.40 2.99
N TYR A 145 -3.75 14.16 3.43
CA TYR A 145 -2.87 14.88 2.51
C TYR A 145 -1.43 14.49 2.73
N ILE A 146 -0.56 14.93 1.83
CA ILE A 146 0.88 14.83 2.04
C ILE A 146 1.27 15.89 3.04
N HIS A 147 0.81 17.12 2.84
CA HIS A 147 0.97 18.19 3.84
C HIS A 147 -0.32 18.95 4.06
N LYS A 148 -1.07 18.53 5.07
CA LYS A 148 -2.36 19.10 5.38
C LYS A 148 -2.30 20.62 5.56
N GLU A 149 -1.25 21.12 6.21
CA GLU A 149 -1.15 22.55 6.47
C GLU A 149 -0.90 23.38 5.19
N LEU A 150 -0.69 22.70 4.07
CA LEU A 150 -0.60 23.36 2.76
C LEU A 150 -1.91 23.24 1.97
N MSE A 151 -2.92 22.58 2.57
CA MSE A 151 -4.25 22.38 1.94
C MSE A 151 -5.38 23.01 2.74
O MSE A 151 -6.53 22.61 2.60
CB MSE A 151 -4.54 20.89 1.76
CG MSE A 151 -3.55 20.19 0.83
SE MSE A 151 -3.75 20.70 -1.05
CE MSE A 151 -4.36 18.94 -1.77
N LEU A 152 -5.07 24.00 3.57
CA LEU A 152 -6.06 24.56 4.46
C LEU A 152 -7.20 25.25 3.70
N ASP A 153 -6.94 25.76 2.50
CA ASP A 153 -8.02 26.30 1.66
C ASP A 153 -9.11 25.27 1.37
N GLN A 154 -8.69 24.04 1.05
CA GLN A 154 -9.60 22.97 0.69
C GLN A 154 -10.37 22.43 1.90
N VAL A 155 -9.70 22.36 3.04
CA VAL A 155 -10.36 22.00 4.30
C VAL A 155 -11.53 22.94 4.56
N MSE A 156 -11.32 24.24 4.40
CA MSE A 156 -12.37 25.23 4.68
C MSE A 156 -13.61 25.05 3.82
O MSE A 156 -14.73 25.18 4.33
CB MSE A 156 -11.87 26.66 4.48
CG MSE A 156 -10.99 27.15 5.58
SE MSE A 156 -10.87 29.06 5.55
CE MSE A 156 -10.43 29.38 3.60
N GLU A 157 -13.43 24.77 2.54
CA GLU A 157 -14.58 24.65 1.64
C GLU A 157 -15.29 23.29 1.77
N CYS A 158 -14.62 22.28 2.31
CA CYS A 158 -15.31 21.02 2.66
C CYS A 158 -16.16 21.16 3.89
N TYR A 159 -15.64 21.90 4.84
CA TYR A 159 -16.23 22.00 6.17
C TYR A 159 -16.19 23.46 6.62
N PRO A 160 -17.03 24.31 5.99
CA PRO A 160 -17.09 25.71 6.34
C PRO A 160 -17.62 25.91 7.75
N ALA A 161 -17.00 26.83 8.47
CA ALA A 161 -17.32 27.07 9.87
C ALA A 161 -16.92 28.50 10.27
N ARG A 162 -17.63 29.02 11.28
CA ARG A 162 -17.31 30.35 11.84
C ARG A 162 -16.02 30.28 12.65
N HIS A 163 -15.79 29.13 13.27
CA HIS A 163 -14.61 28.87 14.07
C HIS A 163 -14.16 27.42 13.89
N TYR A 164 -12.87 27.18 14.05
CA TYR A 164 -12.34 25.84 13.96
C TYR A 164 -11.52 25.51 15.20
N VAL A 165 -11.51 24.23 15.56
CA VAL A 165 -10.57 23.69 16.55
C VAL A 165 -9.68 22.66 15.85
N MSE A 166 -8.38 22.69 16.14
CA MSE A 166 -7.45 21.69 15.63
C MSE A 166 -6.72 21.05 16.81
O MSE A 166 -6.15 21.74 17.66
CB MSE A 166 -6.50 22.29 14.61
CG MSE A 166 -5.52 21.30 13.96
SE MSE A 166 -6.32 19.85 12.90
CE MSE A 166 -4.81 18.66 12.82
N VAL A 167 -6.79 19.71 16.89
CA VAL A 167 -6.13 18.97 17.95
C VAL A 167 -5.04 18.16 17.28
N ASP A 168 -3.79 18.41 17.67
CA ASP A 168 -2.67 17.84 16.96
C ASP A 168 -1.47 17.84 17.90
N ASP A 169 -0.72 16.75 17.91
CA ASP A 169 0.43 16.62 18.80
C ASP A 169 1.69 17.29 18.26
N LYS A 170 1.65 17.74 17.01
CA LYS A 170 2.77 18.46 16.41
C LYS A 170 2.55 19.97 16.48
N LEU A 171 3.27 20.63 17.38
CA LEU A 171 3.21 22.08 17.50
C LEU A 171 3.54 22.84 16.18
N ARG A 172 4.42 22.27 15.37
CA ARG A 172 4.76 22.83 14.06
C ARG A 172 3.53 23.01 13.20
N ILE A 173 2.65 22.01 13.20
CA ILE A 173 1.42 22.02 12.39
C ILE A 173 0.42 23.04 12.92
N LEU A 174 0.20 23.00 14.22
CA LEU A 174 -0.72 23.93 14.87
C LEU A 174 -0.25 25.34 14.64
N ALA A 175 1.05 25.58 14.84
CA ALA A 175 1.67 26.89 14.58
C ALA A 175 1.48 27.35 13.13
N ALA A 176 1.65 26.46 12.17
CA ALA A 176 1.42 26.80 10.75
C ALA A 176 -0.05 27.14 10.50
N MSE A 177 -0.94 26.37 11.08
CA MSE A 177 -2.39 26.58 10.88
C MSE A 177 -2.84 27.87 11.56
O MSE A 177 -3.62 28.63 10.98
CB MSE A 177 -3.20 25.37 11.36
CG MSE A 177 -3.05 24.17 10.44
SE MSE A 177 -4.02 22.57 10.97
CE MSE A 177 -5.84 23.17 10.83
N LYS A 178 -2.28 28.14 12.74
CA LYS A 178 -2.61 29.35 13.49
C LYS A 178 -2.20 30.59 12.72
N LYS A 179 -1.03 30.52 12.09
CA LYS A 179 -0.51 31.63 11.27
C LYS A 179 -1.43 31.86 10.06
N ALA A 180 -1.98 30.79 9.52
CA ALA A 180 -2.87 30.85 8.35
C ALA A 180 -4.25 31.37 8.72
N TRP A 181 -4.84 30.86 9.81
CA TRP A 181 -6.25 31.16 10.13
C TRP A 181 -6.49 32.16 11.28
N GLY A 182 -5.55 32.24 12.23
CA GLY A 182 -5.55 33.28 13.24
C GLY A 182 -6.55 33.10 14.38
N ALA A 183 -7.36 34.13 14.60
CA ALA A 183 -8.42 34.12 15.62
C ALA A 183 -9.57 33.15 15.29
N ARG A 184 -9.71 32.80 14.00
CA ARG A 184 -10.64 31.75 13.52
C ARG A 184 -10.30 30.33 13.95
N LEU A 185 -9.18 30.14 14.64
CA LEU A 185 -8.78 28.80 15.04
C LEU A 185 -8.42 28.75 16.51
N THR A 186 -8.81 27.65 17.16
CA THR A 186 -8.31 27.33 18.48
C THR A 186 -7.41 26.12 18.35
N THR A 187 -6.17 26.23 18.81
CA THR A 187 -5.23 25.12 18.69
C THR A 187 -5.09 24.40 20.03
N VAL A 188 -5.18 23.06 20.00
CA VAL A 188 -5.15 22.28 21.22
C VAL A 188 -4.03 21.29 21.13
N PHE A 189 -3.10 21.35 22.06
CA PHE A 189 -1.96 20.45 22.07
C PHE A 189 -2.13 19.45 23.18
N PRO A 190 -2.38 18.18 22.83
CA PRO A 190 -2.43 17.13 23.81
C PRO A 190 -1.05 16.49 23.98
N ARG A 191 -0.63 16.33 25.22
CA ARG A 191 0.74 15.91 25.53
C ARG A 191 0.89 14.41 25.45
N GLN A 192 0.85 13.92 24.22
CA GLN A 192 0.89 12.49 23.93
C GLN A 192 1.94 12.26 22.84
N GLY A 193 2.56 11.08 22.87
CA GLY A 193 3.61 10.73 21.93
C GLY A 193 4.92 11.40 22.27
N HIS A 194 5.86 11.36 21.33
CA HIS A 194 7.26 11.78 21.55
C HIS A 194 7.61 13.19 20.99
N TYR A 195 6.76 13.73 20.10
CA TYR A 195 6.87 15.11 19.59
C TYR A 195 6.46 16.10 20.68
N ALA A 196 5.63 15.62 21.61
CA ALA A 196 5.25 16.37 22.79
C ALA A 196 6.45 16.69 23.70
N PHE A 197 7.44 15.80 23.71
CA PHE A 197 8.60 15.94 24.62
C PHE A 197 9.93 16.19 23.89
N ASP A 198 9.86 16.38 22.57
CA ASP A 198 11.03 16.75 21.76
C ASP A 198 11.32 18.23 22.00
N PRO A 199 12.57 18.56 22.34
CA PRO A 199 12.89 19.93 22.78
C PRO A 199 12.95 20.96 21.63
N LYS A 200 13.18 20.47 20.41
CA LYS A 200 13.21 21.32 19.20
C LYS A 200 11.81 21.86 18.92
N GLU A 201 10.86 20.94 18.72
CA GLU A 201 9.44 21.28 18.64
C GLU A 201 9.01 22.26 19.76
N ILE A 202 9.10 21.78 21.00
CA ILE A 202 8.71 22.54 22.20
C ILE A 202 9.32 23.94 22.33
N SER A 203 10.47 24.16 21.71
CA SER A 203 11.20 25.42 21.85
C SER A 203 11.23 26.33 20.60
N SER A 204 10.79 25.84 19.44
CA SER A 204 10.92 26.61 18.19
C SER A 204 9.60 27.13 17.58
N HIS A 205 8.48 26.90 18.26
CA HIS A 205 7.15 27.34 17.77
C HIS A 205 6.33 28.03 18.86
N PRO A 206 5.39 28.91 18.46
CA PRO A 206 4.52 29.48 19.49
C PRO A 206 3.70 28.38 20.22
N PRO A 207 3.20 28.69 21.42
CA PRO A 207 2.46 27.71 22.20
C PRO A 207 1.06 27.57 21.64
N ALA A 208 0.46 26.41 21.86
CA ALA A 208 -0.91 26.20 21.44
C ALA A 208 -1.78 27.04 22.34
N ASP A 209 -2.97 27.37 21.87
CA ASP A 209 -3.92 28.09 22.71
C ASP A 209 -4.18 27.30 24.00
N VAL A 210 -4.51 26.02 23.86
CA VAL A 210 -4.78 25.16 25.01
C VAL A 210 -3.88 23.94 24.98
N THR A 211 -3.34 23.56 26.14
CA THR A 211 -2.70 22.25 26.31
C THR A 211 -3.54 21.37 27.24
N VAL A 212 -3.79 20.14 26.82
CA VAL A 212 -4.51 19.18 27.64
C VAL A 212 -3.61 17.98 27.89
N GLU A 213 -3.59 17.46 29.12
CA GLU A 213 -2.79 16.27 29.43
C GLU A 213 -3.25 15.04 28.63
N ARG A 214 -4.56 14.95 28.38
CA ARG A 214 -5.18 13.81 27.71
C ARG A 214 -6.25 14.27 26.74
N ILE A 215 -6.45 13.54 25.66
CA ILE A 215 -7.53 13.80 24.69
C ILE A 215 -8.90 13.72 25.38
N GLY A 216 -8.99 12.90 26.44
CA GLY A 216 -10.22 12.78 27.20
C GLY A 216 -10.54 13.98 28.08
N ASP A 217 -9.57 14.87 28.26
CA ASP A 217 -9.79 16.15 28.95
C ASP A 217 -10.69 17.13 28.18
N LEU A 218 -10.90 16.90 26.88
CA LEU A 218 -11.69 17.82 26.05
C LEU A 218 -13.16 17.85 26.45
N VAL A 219 -13.66 16.75 27.02
CA VAL A 219 -15.06 16.71 27.48
C VAL A 219 -15.35 17.72 28.62
N GLU A 220 -14.30 18.18 29.31
CA GLU A 220 -14.43 19.17 30.39
C GLU A 220 -14.42 20.63 29.94
N MSE A 221 -14.48 20.91 28.63
CA MSE A 221 -14.35 22.30 28.18
C MSE A 221 -15.36 22.71 27.11
O MSE A 221 -15.01 23.21 26.06
CB MSE A 221 -12.90 22.59 27.73
CG MSE A 221 -12.23 21.52 26.94
SE MSE A 221 -10.27 21.64 26.98
CE MSE A 221 -9.91 21.91 28.89
N ASP A 222 -16.63 22.51 27.43
CA ASP A 222 -17.71 22.98 26.56
C ASP A 222 -17.73 24.51 26.50
N ALA A 223 -17.43 25.16 27.64
CA ALA A 223 -17.36 26.61 27.71
C ALA A 223 -16.43 27.24 26.68
N GLU A 224 -15.36 26.54 26.30
CA GLU A 224 -14.35 27.10 25.37
C GLU A 224 -14.80 27.15 23.93
N TRP A 225 -15.84 26.40 23.58
CA TRP A 225 -16.32 26.44 22.20
C TRP A 225 -17.24 27.66 21.96
N LEU A 226 -17.75 28.25 23.05
CA LEU A 226 -18.52 29.51 23.04
C LEU A 226 -19.79 29.42 22.19
N LEU A 227 -20.53 28.33 22.34
CA LEU A 227 -21.69 28.04 21.50
C LEU A 227 -23.00 28.41 22.19
N ALA A 228 -24.00 28.79 21.40
CA ALA A 228 -25.34 29.04 21.92
C ALA A 228 -26.06 27.73 22.25
N PRO B 9 26.10 -25.25 -10.06
CA PRO B 9 24.98 -24.81 -10.92
C PRO B 9 23.96 -25.93 -11.18
N HIS B 10 22.69 -25.59 -11.13
CA HIS B 10 21.64 -26.58 -11.36
C HIS B 10 21.59 -26.96 -12.83
N ASP B 11 21.14 -28.19 -13.10
CA ASP B 11 20.87 -28.59 -14.48
C ASP B 11 19.81 -27.68 -15.08
N ILE B 12 18.74 -27.45 -14.32
CA ILE B 12 17.56 -26.71 -14.79
C ILE B 12 16.94 -25.86 -13.67
N VAL B 13 16.48 -24.67 -14.05
CA VAL B 13 15.63 -23.82 -13.21
C VAL B 13 14.35 -23.47 -13.93
N PHE B 14 13.23 -23.57 -13.20
CA PHE B 14 11.92 -23.25 -13.74
C PHE B 14 11.42 -21.94 -13.16
N LEU B 15 11.19 -20.98 -14.06
CA LEU B 15 10.79 -19.62 -13.73
C LEU B 15 9.36 -19.51 -14.10
N PHE B 16 8.55 -18.91 -13.23
CA PHE B 16 7.11 -18.70 -13.53
C PHE B 16 6.68 -17.32 -13.17
N ASP B 17 6.02 -16.69 -14.09
CA ASP B 17 5.18 -15.58 -13.78
C ASP B 17 4.03 -16.03 -12.88
N CYS B 18 3.39 -15.06 -12.24
CA CYS B 18 2.17 -15.25 -11.46
C CYS B 18 0.89 -14.93 -12.26
N ASP B 19 0.68 -13.66 -12.56
CA ASP B 19 -0.62 -13.27 -13.10
C ASP B 19 -0.88 -13.98 -14.41
N ASN B 20 -2.01 -14.70 -14.44
CA ASN B 20 -2.49 -15.45 -15.58
C ASN B 20 -1.56 -16.56 -16.04
N THR B 21 -0.67 -16.99 -15.16
CA THR B 21 0.15 -18.17 -15.37
C THR B 21 -0.20 -19.19 -14.25
N LEU B 22 0.11 -18.83 -12.99
CA LEU B 22 -0.27 -19.63 -11.80
C LEU B 22 -1.61 -19.23 -11.17
N LEU B 23 -2.00 -17.97 -11.31
CA LEU B 23 -3.19 -17.42 -10.67
C LEU B 23 -4.06 -16.68 -11.71
N ASP B 24 -5.37 -16.85 -11.63
CA ASP B 24 -6.26 -16.17 -12.57
C ASP B 24 -6.51 -14.71 -12.15
N ASN B 25 -5.64 -13.79 -12.60
CA ASN B 25 -5.77 -12.38 -12.25
C ASN B 25 -6.90 -11.61 -12.97
N ASP B 26 -7.35 -12.08 -14.12
CA ASP B 26 -8.50 -11.43 -14.77
C ASP B 26 -9.73 -11.52 -13.86
N HIS B 27 -9.97 -12.69 -13.27
CA HIS B 27 -11.09 -12.88 -12.37
C HIS B 27 -11.02 -11.88 -11.23
N VAL B 28 -9.82 -11.65 -10.72
CA VAL B 28 -9.62 -10.66 -9.65
C VAL B 28 -9.89 -9.21 -10.07
N LEU B 29 -9.35 -8.79 -11.19
CA LEU B 29 -9.64 -7.48 -11.75
C LEU B 29 -11.13 -7.30 -12.01
N ALA B 30 -11.80 -8.38 -12.36
CA ALA B 30 -13.21 -8.33 -12.76
C ALA B 30 -14.09 -8.09 -11.53
N ASP B 31 -13.76 -8.83 -10.47
CA ASP B 31 -14.34 -8.63 -9.15
C ASP B 31 -13.98 -7.27 -8.59
N LEU B 32 -12.73 -6.85 -8.71
CA LEU B 32 -12.35 -5.53 -8.21
C LEU B 32 -13.17 -4.44 -8.88
N ARG B 33 -13.33 -4.49 -10.21
CA ARG B 33 -14.06 -3.43 -10.92
C ARG B 33 -15.51 -3.39 -10.58
N ALA B 34 -16.10 -4.54 -10.29
CA ALA B 34 -17.52 -4.58 -9.94
C ALA B 34 -17.69 -4.00 -8.53
N HIS B 35 -16.71 -4.21 -7.67
CA HIS B 35 -16.74 -3.66 -6.32
C HIS B 35 -16.63 -2.14 -6.34
N MSE B 36 -15.79 -1.62 -7.21
CA MSE B 36 -15.63 -0.16 -7.34
C MSE B 36 -16.79 0.50 -8.07
O MSE B 36 -17.19 1.59 -7.70
CB MSE B 36 -14.31 0.21 -8.03
CG MSE B 36 -13.09 -0.11 -7.20
SE MSE B 36 -11.54 0.10 -8.31
CE MSE B 36 -11.33 2.08 -8.29
N MSE B 37 -17.36 -0.13 -9.09
CA MSE B 37 -18.56 0.47 -9.69
C MSE B 37 -19.68 0.49 -8.62
O MSE B 37 -20.42 1.46 -8.52
CB MSE B 37 -19.03 -0.25 -10.96
CG MSE B 37 -18.02 -0.24 -12.15
SE MSE B 37 -18.44 -1.61 -13.59
CE MSE B 37 -16.57 -2.16 -14.15
N ARG B 38 -19.76 -0.56 -7.79
CA ARG B 38 -20.82 -0.67 -6.78
C ARG B 38 -20.65 0.19 -5.51
N GLU B 39 -19.45 0.59 -5.15
CA GLU B 39 -19.23 1.27 -3.87
C GLU B 39 -18.77 2.71 -3.99
N PHE B 40 -18.04 3.01 -5.06
CA PHE B 40 -17.51 4.35 -5.25
C PHE B 40 -18.08 4.97 -6.51
N GLY B 41 -19.25 4.50 -6.92
CA GLY B 41 -19.90 5.03 -8.11
C GLY B 41 -19.16 4.80 -9.41
N ALA B 42 -19.76 5.28 -10.49
CA ALA B 42 -19.31 5.00 -11.85
C ALA B 42 -18.16 5.91 -12.32
N GLN B 43 -18.30 7.24 -12.21
CA GLN B 43 -17.27 8.13 -12.75
C GLN B 43 -15.98 8.09 -11.93
N ASN B 44 -16.08 8.18 -10.61
CA ASN B 44 -14.89 8.09 -9.74
C ASN B 44 -14.03 6.95 -10.29
N SER B 45 -14.67 5.79 -10.48
CA SER B 45 -14.00 4.55 -10.83
C SER B 45 -13.52 4.60 -12.27
N ALA B 46 -14.38 5.14 -13.14
CA ALA B 46 -14.00 5.36 -14.55
C ALA B 46 -12.67 6.12 -14.60
N ARG B 47 -12.58 7.16 -13.79
CA ARG B 47 -11.40 8.01 -13.81
C ARG B 47 -10.22 7.21 -13.33
N TYR B 48 -10.35 6.58 -12.16
CA TYR B 48 -9.26 5.77 -11.66
C TYR B 48 -8.75 4.85 -12.79
N TRP B 49 -9.67 4.21 -13.51
CA TRP B 49 -9.31 3.18 -14.49
C TRP B 49 -8.68 3.73 -15.76
N GLU B 50 -9.08 4.93 -16.18
CA GLU B 50 -8.38 5.62 -17.27
C GLU B 50 -6.89 5.84 -16.91
N ILE B 51 -6.65 6.24 -15.65
CA ILE B 51 -5.28 6.43 -15.13
C ILE B 51 -4.55 5.09 -15.05
N PHE B 52 -5.17 4.10 -14.42
CA PHE B 52 -4.57 2.77 -14.31
C PHE B 52 -4.10 2.25 -15.67
N GLU B 53 -5.02 2.29 -16.64
CA GLU B 53 -4.73 1.91 -18.03
C GLU B 53 -3.44 2.58 -18.56
N THR B 54 -3.34 3.89 -18.41
CA THR B 54 -2.19 4.64 -18.92
C THR B 54 -0.86 4.11 -18.40
N LEU B 55 -0.75 3.95 -17.07
CA LEU B 55 0.50 3.50 -16.47
C LEU B 55 0.69 1.97 -16.61
N ARG B 56 -0.38 1.19 -16.72
CA ARG B 56 -0.23 -0.20 -17.20
C ARG B 56 0.41 -0.16 -18.59
N THR B 57 0.00 0.82 -19.42
CA THR B 57 0.50 0.97 -20.77
C THR B 57 2.00 1.27 -20.84
N GLU B 58 2.51 2.17 -19.99
CA GLU B 58 3.91 2.63 -20.11
C GLU B 58 4.86 1.98 -19.10
N LEU B 59 4.36 1.65 -17.91
CA LEU B 59 5.12 0.84 -16.94
C LEU B 59 5.35 -0.56 -17.52
N GLY B 60 4.31 -1.12 -18.15
CA GLY B 60 4.40 -2.43 -18.80
C GLY B 60 3.63 -3.47 -18.02
N TYR B 61 3.46 -3.22 -16.72
CA TYR B 61 2.68 -4.08 -15.82
C TYR B 61 1.60 -3.26 -15.08
N ALA B 62 0.69 -3.98 -14.45
CA ALA B 62 -0.42 -3.38 -13.71
C ALA B 62 0.07 -2.78 -12.39
N ASP B 63 0.07 -1.45 -12.31
CA ASP B 63 0.43 -0.77 -11.06
C ASP B 63 -0.79 -0.06 -10.46
N TYR B 64 -1.49 -0.77 -9.57
CA TYR B 64 -2.60 -0.21 -8.81
C TYR B 64 -2.10 0.96 -7.94
N LEU B 65 -0.97 0.75 -7.25
CA LEU B 65 -0.46 1.71 -6.29
C LEU B 65 -0.20 3.09 -6.89
N GLY B 66 0.52 3.12 -8.01
CA GLY B 66 0.86 4.36 -8.69
C GLY B 66 -0.37 5.02 -9.26
N ALA B 67 -1.29 4.21 -9.77
CA ALA B 67 -2.58 4.68 -10.23
C ALA B 67 -3.36 5.38 -9.11
N LEU B 68 -3.16 4.93 -7.88
CA LEU B 68 -3.91 5.42 -6.74
C LEU B 68 -3.33 6.76 -6.33
N GLN B 69 -2.01 6.86 -6.40
CA GLN B 69 -1.31 8.13 -6.10
C GLN B 69 -1.68 9.23 -7.11
N ARG B 70 -1.65 8.88 -8.39
CA ARG B 70 -2.07 9.80 -9.43
C ARG B 70 -3.50 10.24 -9.25
N TYR B 71 -4.39 9.33 -8.85
CA TYR B 71 -5.78 9.68 -8.56
C TYR B 71 -5.86 10.66 -7.42
N ARG B 72 -5.09 10.47 -6.36
CA ARG B 72 -5.17 11.37 -5.23
C ARG B 72 -4.82 12.79 -5.66
N LEU B 73 -3.76 12.94 -6.43
CA LEU B 73 -3.40 14.26 -6.93
C LEU B 73 -4.57 14.89 -7.64
N GLU B 74 -5.25 14.13 -8.49
CA GLU B 74 -6.38 14.64 -9.27
C GLU B 74 -7.66 14.86 -8.45
N GLN B 75 -7.95 13.95 -7.54
CA GLN B 75 -9.18 14.01 -6.75
C GLN B 75 -8.86 13.96 -5.25
N PRO B 76 -8.18 15.00 -4.75
CA PRO B 76 -7.66 14.98 -3.38
C PRO B 76 -8.69 14.86 -2.25
N ARG B 77 -9.94 15.24 -2.46
CA ARG B 77 -10.93 15.14 -1.36
C ARG B 77 -11.76 13.87 -1.39
N ASP B 78 -11.68 13.12 -2.49
CA ASP B 78 -12.29 11.80 -2.57
C ASP B 78 -11.35 10.84 -1.84
N THR B 79 -11.44 10.84 -0.52
CA THR B 79 -10.58 10.03 0.32
C THR B 79 -11.03 8.57 0.28
N ARG B 80 -12.31 8.33 0.05
CA ARG B 80 -12.80 6.95 0.22
C ARG B 80 -12.54 6.00 -0.95
N LEU B 81 -12.41 6.52 -2.17
CA LEU B 81 -11.99 5.64 -3.26
C LEU B 81 -10.66 4.99 -2.93
N LEU B 82 -9.84 5.64 -2.12
CA LEU B 82 -8.58 5.03 -1.68
C LEU B 82 -8.80 3.72 -0.96
N LEU B 83 -9.96 3.57 -0.32
CA LEU B 83 -10.29 2.29 0.33
C LEU B 83 -10.62 1.18 -0.66
N MSE B 84 -10.47 1.42 -1.96
CA MSE B 84 -10.49 0.31 -2.90
C MSE B 84 -9.39 -0.69 -2.58
O MSE B 84 -9.61 -1.86 -2.70
CB MSE B 84 -10.45 0.77 -4.38
CG MSE B 84 -9.16 1.39 -4.90
SE MSE B 84 -7.80 0.08 -5.30
CE MSE B 84 -6.59 1.10 -6.31
N SER B 85 -8.22 -0.21 -2.16
CA SER B 85 -7.13 -1.04 -1.66
C SER B 85 -7.55 -2.22 -0.80
N SER B 86 -8.54 -2.00 0.06
CA SER B 86 -8.89 -3.02 1.03
C SER B 86 -9.51 -4.28 0.43
N PHE B 87 -10.23 -4.12 -0.69
CA PHE B 87 -10.75 -5.27 -1.42
C PHE B 87 -9.62 -6.19 -1.89
N LEU B 88 -8.58 -5.60 -2.49
CA LEU B 88 -7.39 -6.32 -2.92
C LEU B 88 -6.59 -6.92 -1.75
N ILE B 89 -6.54 -6.19 -0.63
CA ILE B 89 -5.77 -6.60 0.55
C ILE B 89 -6.37 -7.82 1.20
N ASP B 90 -7.69 -7.96 1.08
CA ASP B 90 -8.42 -9.05 1.72
C ASP B 90 -9.00 -10.07 0.75
N TYR B 91 -8.69 -9.95 -0.53
CA TYR B 91 -9.19 -10.89 -1.55
C TYR B 91 -8.67 -12.32 -1.32
N PRO B 92 -9.52 -13.35 -1.52
CA PRO B 92 -9.07 -14.75 -1.34
C PRO B 92 -8.25 -15.27 -2.53
N PHE B 93 -6.95 -14.98 -2.54
CA PHE B 93 -6.15 -15.28 -3.73
C PHE B 93 -6.01 -16.78 -4.00
N ALA B 94 -6.03 -17.59 -2.95
CA ALA B 94 -5.89 -19.05 -3.10
C ALA B 94 -6.98 -19.66 -4.01
N SER B 95 -8.17 -19.09 -3.98
CA SER B 95 -9.28 -19.57 -4.81
C SER B 95 -9.08 -19.31 -6.30
N ARG B 96 -8.12 -18.47 -6.62
CA ARG B 96 -7.82 -18.07 -8.00
C ARG B 96 -6.68 -18.88 -8.64
N VAL B 97 -5.84 -19.48 -7.80
CA VAL B 97 -4.80 -20.38 -8.28
C VAL B 97 -5.43 -21.40 -9.19
N TYR B 98 -4.86 -21.55 -10.38
CA TYR B 98 -5.38 -22.44 -11.40
C TYR B 98 -5.30 -23.91 -10.99
N PRO B 99 -6.25 -24.73 -11.48
CA PRO B 99 -6.15 -26.17 -11.27
C PRO B 99 -4.83 -26.73 -11.83
N GLY B 100 -4.15 -27.54 -11.03
CA GLY B 100 -2.92 -28.18 -11.46
C GLY B 100 -1.66 -27.34 -11.37
N ALA B 101 -1.78 -26.11 -10.89
CA ALA B 101 -0.62 -25.24 -10.77
C ALA B 101 0.26 -25.72 -9.61
N LEU B 102 -0.36 -26.13 -8.51
CA LEU B 102 0.39 -26.60 -7.37
C LEU B 102 1.04 -27.94 -7.72
N ASN B 103 0.37 -28.73 -8.57
CA ASN B 103 0.97 -29.95 -9.10
C ASN B 103 2.14 -29.68 -10.01
N ALA B 104 1.98 -28.80 -10.97
CA ALA B 104 3.10 -28.47 -11.85
C ALA B 104 4.28 -28.08 -10.96
N LEU B 105 4.06 -27.24 -9.96
CA LEU B 105 5.16 -26.67 -9.18
C LEU B 105 5.89 -27.74 -8.36
N ARG B 106 5.13 -28.69 -7.79
CA ARG B 106 5.72 -29.72 -6.92
C ARG B 106 6.47 -30.80 -7.71
N HIS B 107 5.93 -31.16 -8.87
CA HIS B 107 6.56 -32.14 -9.72
C HIS B 107 7.86 -31.58 -10.25
N LEU B 108 7.78 -30.38 -10.83
CA LEU B 108 8.95 -29.76 -11.42
C LEU B 108 9.99 -29.45 -10.36
N GLY B 109 9.54 -29.07 -9.17
CA GLY B 109 10.43 -28.87 -8.01
C GLY B 109 11.28 -30.08 -7.66
N ALA B 110 10.87 -31.25 -8.14
CA ALA B 110 11.63 -32.48 -7.93
C ALA B 110 12.88 -32.47 -8.80
N ARG B 111 12.83 -31.70 -9.88
CA ARG B 111 13.85 -31.70 -10.95
C ARG B 111 14.76 -30.43 -10.92
N GLY B 112 14.30 -29.38 -10.27
CA GLY B 112 15.15 -28.23 -10.05
C GLY B 112 14.36 -27.12 -9.37
N PRO B 113 15.05 -26.05 -8.97
CA PRO B 113 14.38 -24.89 -8.38
C PRO B 113 13.24 -24.34 -9.17
N THR B 114 12.10 -24.25 -8.49
CA THR B 114 10.96 -23.47 -8.97
C THR B 114 11.05 -22.06 -8.34
N VAL B 115 10.75 -21.05 -9.16
CA VAL B 115 10.96 -19.62 -8.86
C VAL B 115 9.84 -18.79 -9.47
N ILE B 116 9.32 -17.80 -8.74
CA ILE B 116 8.38 -16.88 -9.30
C ILE B 116 9.08 -15.59 -9.74
N LEU B 117 8.89 -15.22 -11.01
CA LEU B 117 9.52 -14.05 -11.54
C LEU B 117 8.44 -13.22 -12.09
N SER B 118 8.11 -12.19 -11.31
CA SER B 118 6.95 -11.39 -11.57
C SER B 118 7.38 -9.94 -11.51
N ASP B 119 6.68 -9.14 -12.30
CA ASP B 119 6.66 -7.72 -12.20
C ASP B 119 5.73 -7.36 -11.05
N GLY B 120 6.06 -6.32 -10.30
CA GLY B 120 5.19 -5.88 -9.21
C GLY B 120 5.58 -4.58 -8.55
N ASP B 121 4.61 -4.01 -7.83
CA ASP B 121 4.81 -2.94 -6.86
C ASP B 121 5.25 -3.58 -5.58
N VAL B 122 5.41 -2.75 -4.55
CA VAL B 122 6.01 -3.18 -3.30
C VAL B 122 4.98 -3.55 -2.22
N VAL B 123 3.67 -3.44 -2.51
CA VAL B 123 2.60 -3.70 -1.51
C VAL B 123 1.68 -4.84 -1.97
N PHE B 124 0.98 -4.60 -3.07
CA PHE B 124 -0.05 -5.49 -3.53
C PHE B 124 0.45 -6.79 -4.15
N GLN B 125 1.41 -6.73 -5.07
CA GLN B 125 1.93 -7.95 -5.69
C GLN B 125 2.56 -8.92 -4.68
N PRO B 126 3.46 -8.46 -3.83
CA PRO B 126 4.01 -9.45 -2.86
C PRO B 126 2.92 -10.07 -1.99
N ARG B 127 1.98 -9.27 -1.50
CA ARG B 127 0.88 -9.77 -0.68
C ARG B 127 0.10 -10.84 -1.39
N LYS B 128 -0.22 -10.57 -2.65
CA LYS B 128 -0.91 -11.53 -3.49
C LYS B 128 -0.17 -12.83 -3.59
N ILE B 129 1.11 -12.79 -3.92
CA ILE B 129 1.88 -14.02 -4.03
C ILE B 129 1.89 -14.77 -2.68
N ALA B 130 2.06 -14.05 -1.57
CA ALA B 130 2.09 -14.69 -0.21
C ALA B 130 0.73 -15.28 0.16
N ARG B 131 -0.31 -14.46 0.08
CA ARG B 131 -1.60 -14.96 0.53
C ARG B 131 -2.22 -16.00 -0.37
N SER B 132 -1.79 -16.04 -1.63
CA SER B 132 -2.26 -17.08 -2.54
C SER B 132 -1.77 -18.45 -2.15
N GLY B 133 -0.72 -18.50 -1.33
CA GLY B 133 -0.08 -19.76 -0.95
C GLY B 133 1.08 -20.15 -1.87
N LEU B 134 1.29 -19.37 -2.92
CA LEU B 134 2.28 -19.73 -3.92
C LEU B 134 3.66 -19.40 -3.43
N TRP B 135 3.78 -18.31 -2.67
CA TRP B 135 5.07 -17.99 -2.00
C TRP B 135 5.65 -19.22 -1.29
N ASP B 136 4.81 -19.89 -0.51
CA ASP B 136 5.31 -21.07 0.25
C ASP B 136 5.46 -22.30 -0.64
N GLU B 137 4.69 -22.35 -1.71
CA GLU B 137 4.83 -23.43 -2.66
C GLU B 137 6.25 -23.48 -3.27
N VAL B 138 6.76 -22.30 -3.68
CA VAL B 138 8.14 -22.19 -4.21
C VAL B 138 9.13 -21.89 -3.05
N GLU B 139 8.70 -22.10 -1.81
CA GLU B 139 9.62 -21.94 -0.66
C GLU B 139 10.38 -20.60 -0.59
N GLY B 140 9.69 -19.51 -0.84
CA GLY B 140 10.31 -18.20 -0.81
C GLY B 140 11.11 -17.78 -2.04
N ARG B 141 11.27 -18.64 -3.02
CA ARG B 141 12.06 -18.28 -4.22
C ARG B 141 11.23 -17.38 -5.13
N VAL B 142 11.12 -16.12 -4.71
CA VAL B 142 10.16 -15.15 -5.35
C VAL B 142 10.97 -13.90 -5.64
N LEU B 143 10.89 -13.42 -6.85
CA LEU B 143 11.57 -12.21 -7.22
C LEU B 143 10.52 -11.32 -7.83
N ILE B 144 10.43 -10.06 -7.42
CA ILE B 144 9.43 -9.16 -7.94
C ILE B 144 10.14 -7.86 -8.31
N TYR B 145 10.00 -7.45 -9.56
CA TYR B 145 10.75 -6.34 -10.11
C TYR B 145 9.81 -5.37 -10.82
N ILE B 146 10.33 -4.24 -11.25
CA ILE B 146 9.55 -3.29 -12.03
C ILE B 146 9.57 -3.72 -13.49
N HIS B 147 10.76 -4.07 -13.99
CA HIS B 147 10.89 -4.60 -15.36
C HIS B 147 11.73 -5.86 -15.34
N LYS B 148 11.10 -7.01 -15.17
CA LYS B 148 11.84 -8.23 -14.90
C LYS B 148 12.78 -8.64 -16.03
N GLU B 149 12.41 -8.27 -17.27
CA GLU B 149 13.20 -8.62 -18.48
C GLU B 149 14.48 -7.79 -18.58
N LEU B 150 14.53 -6.69 -17.83
CA LEU B 150 15.75 -5.90 -17.72
C LEU B 150 16.59 -6.31 -16.53
N MSE B 151 16.25 -7.42 -15.86
CA MSE B 151 16.93 -7.81 -14.62
C MSE B 151 17.44 -9.25 -14.70
O MSE B 151 17.64 -9.89 -13.68
CB MSE B 151 15.98 -7.69 -13.40
CG MSE B 151 15.73 -6.29 -12.84
SE MSE B 151 17.29 -5.39 -12.22
CE MSE B 151 17.61 -6.19 -10.29
N LEU B 152 17.65 -9.75 -15.92
CA LEU B 152 17.97 -11.15 -16.14
C LEU B 152 19.36 -11.55 -15.62
N ASP B 153 20.28 -10.58 -15.58
CA ASP B 153 21.60 -10.86 -15.01
C ASP B 153 21.46 -11.26 -13.56
N GLN B 154 20.70 -10.47 -12.80
CA GLN B 154 20.46 -10.77 -11.39
C GLN B 154 19.79 -12.14 -11.16
N VAL B 155 18.85 -12.45 -12.01
CA VAL B 155 18.10 -13.69 -11.94
C VAL B 155 19.01 -14.86 -12.16
N MSE B 156 20.00 -14.71 -13.03
CA MSE B 156 20.99 -15.76 -13.24
C MSE B 156 21.96 -15.91 -12.07
O MSE B 156 22.38 -17.02 -11.76
CB MSE B 156 21.79 -15.50 -14.53
CG MSE B 156 21.08 -15.94 -15.80
SE MSE B 156 22.38 -16.12 -17.26
CE MSE B 156 23.39 -14.37 -16.97
N GLU B 157 22.31 -14.78 -11.42
CA GLU B 157 23.18 -14.81 -10.23
C GLU B 157 22.52 -15.54 -9.04
N CYS B 158 21.24 -15.26 -8.86
CA CYS B 158 20.43 -15.83 -7.81
C CYS B 158 20.18 -17.29 -8.05
N TYR B 159 19.81 -17.64 -9.29
CA TYR B 159 19.52 -19.05 -9.64
C TYR B 159 20.37 -19.55 -10.81
N PRO B 160 21.65 -19.88 -10.55
CA PRO B 160 22.50 -20.38 -11.61
C PRO B 160 22.07 -21.74 -12.13
N ALA B 161 21.81 -21.82 -13.42
CA ALA B 161 21.33 -23.03 -14.09
C ALA B 161 22.08 -23.15 -15.42
N ARG B 162 22.10 -24.32 -16.01
CA ARG B 162 22.61 -24.47 -17.38
C ARG B 162 21.49 -24.24 -18.38
N HIS B 163 20.25 -24.46 -17.96
CA HIS B 163 19.07 -24.21 -18.80
C HIS B 163 17.97 -23.66 -17.90
N TYR B 164 17.15 -22.77 -18.46
CA TYR B 164 16.05 -22.14 -17.73
C TYR B 164 14.80 -22.50 -18.50
N VAL B 165 13.67 -22.65 -17.80
CA VAL B 165 12.33 -22.57 -18.48
C VAL B 165 11.64 -21.27 -17.98
N MSE B 166 10.98 -20.50 -18.86
CA MSE B 166 10.18 -19.35 -18.41
C MSE B 166 8.74 -19.57 -18.80
O MSE B 166 8.45 -19.65 -20.01
CB MSE B 166 10.63 -18.01 -19.02
CG MSE B 166 9.71 -16.77 -18.60
SE MSE B 166 9.81 -16.40 -16.60
CE MSE B 166 8.35 -15.11 -16.38
N VAL B 167 7.84 -19.65 -17.81
CA VAL B 167 6.40 -19.66 -18.14
C VAL B 167 5.80 -18.26 -17.94
N ASP B 168 5.25 -17.69 -18.99
CA ASP B 168 4.68 -16.35 -18.95
C ASP B 168 3.59 -16.25 -20.01
N ASP B 169 2.50 -15.55 -19.69
CA ASP B 169 1.41 -15.21 -20.65
C ASP B 169 1.68 -14.03 -21.59
N LYS B 170 2.86 -13.44 -21.48
CA LYS B 170 3.20 -12.28 -22.29
C LYS B 170 4.28 -12.66 -23.28
N LEU B 171 3.91 -12.75 -24.54
CA LEU B 171 4.84 -13.10 -25.60
C LEU B 171 5.93 -12.03 -25.75
N ARG B 172 5.59 -10.79 -25.40
CA ARG B 172 6.57 -9.70 -25.32
C ARG B 172 7.71 -10.03 -24.36
N ILE B 173 7.40 -10.58 -23.21
CA ILE B 173 8.41 -10.87 -22.18
C ILE B 173 9.27 -12.06 -22.64
N LEU B 174 8.59 -13.14 -23.02
CA LEU B 174 9.24 -14.33 -23.52
C LEU B 174 10.19 -14.00 -24.65
N ALA B 175 9.77 -13.12 -25.53
CA ALA B 175 10.59 -12.74 -26.67
C ALA B 175 11.82 -11.96 -26.21
N ALA B 176 11.63 -11.04 -25.27
CA ALA B 176 12.75 -10.23 -24.80
C ALA B 176 13.77 -11.14 -24.12
N MSE B 177 13.28 -12.12 -23.37
CA MSE B 177 14.17 -13.03 -22.65
C MSE B 177 14.88 -14.01 -23.58
O MSE B 177 16.02 -14.39 -23.34
CB MSE B 177 13.37 -13.80 -21.61
CG MSE B 177 12.77 -12.92 -20.53
SE MSE B 177 11.94 -13.87 -19.00
CE MSE B 177 13.49 -15.10 -18.18
N LYS B 178 14.20 -14.43 -24.65
CA LYS B 178 14.80 -15.35 -25.63
C LYS B 178 15.91 -14.61 -26.41
N LYS B 179 15.66 -13.34 -26.76
CA LYS B 179 16.66 -12.45 -27.36
C LYS B 179 17.89 -12.27 -26.46
N ALA B 180 17.74 -12.38 -25.14
CA ALA B 180 18.85 -12.29 -24.20
C ALA B 180 19.55 -13.64 -23.98
N TRP B 181 18.78 -14.70 -23.74
CA TRP B 181 19.35 -16.00 -23.34
C TRP B 181 19.43 -17.06 -24.43
N GLY B 182 18.70 -16.85 -25.51
CA GLY B 182 18.65 -17.80 -26.61
C GLY B 182 18.44 -19.26 -26.22
N ALA B 183 19.41 -20.09 -26.61
CA ALA B 183 19.34 -21.55 -26.46
C ALA B 183 19.45 -22.03 -25.01
N ARG B 184 19.84 -21.15 -24.09
CA ARG B 184 19.80 -21.42 -22.64
C ARG B 184 18.37 -21.45 -22.06
N LEU B 185 17.39 -21.03 -22.83
CA LEU B 185 16.04 -20.80 -22.34
C LEU B 185 15.01 -21.52 -23.21
N THR B 186 14.05 -22.17 -22.56
CA THR B 186 12.84 -22.65 -23.23
C THR B 186 11.73 -21.73 -22.76
N THR B 187 11.07 -21.05 -23.68
CA THR B 187 9.92 -20.23 -23.34
C THR B 187 8.60 -21.02 -23.45
N VAL B 188 7.72 -20.80 -22.47
CA VAL B 188 6.40 -21.45 -22.46
C VAL B 188 5.28 -20.43 -22.37
N PHE B 189 4.31 -20.54 -23.26
CA PHE B 189 3.18 -19.63 -23.28
C PHE B 189 1.92 -20.44 -22.96
N PRO B 190 1.23 -20.14 -21.85
CA PRO B 190 0.01 -20.86 -21.56
C PRO B 190 -1.16 -20.06 -22.07
N ARG B 191 -2.06 -20.67 -22.81
CA ARG B 191 -3.24 -19.96 -23.25
C ARG B 191 -4.20 -19.75 -22.08
N GLN B 192 -3.93 -18.69 -21.34
CA GLN B 192 -4.67 -18.34 -20.14
C GLN B 192 -4.85 -16.81 -20.19
N GLY B 193 -6.04 -16.34 -19.81
CA GLY B 193 -6.28 -14.91 -19.65
C GLY B 193 -6.41 -14.22 -20.98
N HIS B 194 -6.44 -12.88 -20.96
CA HIS B 194 -6.87 -12.12 -22.16
C HIS B 194 -5.76 -11.96 -23.22
N TYR B 195 -4.48 -12.03 -22.79
CA TYR B 195 -3.31 -12.03 -23.71
C TYR B 195 -3.24 -13.32 -24.60
N ALA B 196 -3.75 -14.43 -24.07
CA ALA B 196 -3.94 -15.66 -24.85
C ALA B 196 -4.76 -15.39 -26.11
N PHE B 197 -5.71 -14.47 -25.95
CA PHE B 197 -6.77 -14.20 -26.94
C PHE B 197 -6.58 -12.85 -27.68
N ASP B 198 -5.34 -12.40 -27.81
CA ASP B 198 -5.02 -11.05 -28.26
C ASP B 198 -4.35 -11.04 -29.64
N PRO B 199 -5.07 -10.60 -30.67
CA PRO B 199 -4.50 -10.45 -32.01
C PRO B 199 -3.23 -9.56 -31.98
N LYS B 200 -3.27 -8.53 -31.05
CA LYS B 200 -2.19 -7.54 -30.93
C LYS B 200 -0.88 -8.19 -30.43
N GLU B 201 -0.96 -9.04 -29.42
CA GLU B 201 0.25 -9.65 -28.88
C GLU B 201 0.74 -10.81 -29.77
N ILE B 202 -0.26 -11.59 -30.28
CA ILE B 202 0.08 -12.80 -31.04
C ILE B 202 0.78 -12.47 -32.36
N SER B 203 0.38 -11.33 -32.97
CA SER B 203 0.98 -10.89 -34.24
C SER B 203 2.15 -9.91 -34.10
N SER B 204 2.26 -9.19 -32.98
CA SER B 204 3.40 -8.30 -32.77
C SER B 204 4.67 -9.03 -32.37
N HIS B 205 4.52 -10.28 -31.96
CA HIS B 205 5.64 -10.99 -31.35
C HIS B 205 5.80 -12.37 -31.92
N PRO B 206 7.00 -12.94 -31.78
CA PRO B 206 7.15 -14.29 -32.25
C PRO B 206 6.56 -15.31 -31.32
N PRO B 207 6.54 -16.57 -31.77
CA PRO B 207 6.03 -17.62 -30.92
C PRO B 207 7.07 -18.09 -29.91
N ALA B 208 6.56 -18.60 -28.78
CA ALA B 208 7.35 -19.26 -27.77
C ALA B 208 7.77 -20.66 -28.25
N ASP B 209 8.82 -21.19 -27.61
CA ASP B 209 9.28 -22.52 -27.93
C ASP B 209 8.18 -23.56 -27.69
N VAL B 210 7.32 -23.28 -26.72
CA VAL B 210 6.26 -24.19 -26.35
C VAL B 210 5.00 -23.39 -26.08
N THR B 211 3.86 -23.92 -26.51
CA THR B 211 2.57 -23.37 -26.13
C THR B 211 1.79 -24.51 -25.50
N VAL B 212 1.10 -24.24 -24.38
CA VAL B 212 0.24 -25.24 -23.72
C VAL B 212 -1.15 -24.68 -23.39
N GLU B 213 -2.18 -25.51 -23.44
CA GLU B 213 -3.53 -25.01 -23.22
C GLU B 213 -3.69 -24.56 -21.76
N ARG B 214 -2.95 -25.18 -20.84
CA ARG B 214 -3.14 -24.98 -19.40
C ARG B 214 -1.85 -25.22 -18.61
N ILE B 215 -1.73 -24.51 -17.50
CA ILE B 215 -0.54 -24.54 -16.68
C ILE B 215 -0.30 -25.96 -16.16
N GLY B 216 -1.36 -26.68 -15.84
CA GLY B 216 -1.27 -28.02 -15.30
C GLY B 216 -0.69 -29.05 -16.27
N ASP B 217 -0.73 -28.75 -17.56
CA ASP B 217 -0.11 -29.61 -18.56
C ASP B 217 1.43 -29.72 -18.38
N LEU B 218 2.05 -28.84 -17.59
CA LEU B 218 3.49 -28.91 -17.35
C LEU B 218 3.92 -29.95 -16.31
N VAL B 219 3.00 -30.69 -15.74
CA VAL B 219 3.39 -31.95 -15.08
C VAL B 219 3.97 -32.95 -16.14
N GLU B 220 3.51 -32.89 -17.41
CA GLU B 220 4.09 -33.71 -18.48
C GLU B 220 5.57 -33.38 -18.87
N MSE B 221 6.18 -32.36 -18.27
CA MSE B 221 7.54 -31.94 -18.62
C MSE B 221 8.67 -32.67 -17.84
O MSE B 221 9.21 -32.15 -16.86
CB MSE B 221 7.66 -30.41 -18.40
CG MSE B 221 8.96 -29.78 -18.84
SE MSE B 221 8.86 -27.81 -18.97
CE MSE B 221 8.55 -27.67 -20.82
N ASP B 222 9.04 -33.87 -18.30
CA ASP B 222 10.20 -34.60 -17.72
C ASP B 222 11.33 -34.82 -18.75
N ALA B 223 12.10 -33.76 -19.03
CA ALA B 223 13.36 -33.88 -19.79
C ALA B 223 14.55 -33.77 -18.85
CL CL C . 5.84 -12.23 14.41
C1 GOL D . 2.12 3.04 11.35
O1 GOL D . 0.90 3.14 12.02
C2 GOL D . 2.06 3.91 10.10
O2 GOL D . 2.66 3.23 9.01
C3 GOL D . 2.82 5.21 10.34
O3 GOL D . 1.91 6.24 10.61
C1 GOL E . -23.62 21.82 14.68
O1 GOL E . -24.95 21.38 14.88
C2 GOL E . -23.53 23.35 14.59
O2 GOL E . -22.28 23.78 15.10
C3 GOL E . -23.63 23.81 13.13
O3 GOL E . -24.48 24.93 13.04
C1 GOL F . 15.19 14.58 4.39
O1 GOL F . 15.09 15.83 5.05
C2 GOL F . 15.25 14.68 2.85
O2 GOL F . 16.43 14.08 2.34
C3 GOL F . 15.11 16.15 2.38
O3 GOL F . 14.06 16.27 1.44
CL CL G . 18.99 -29.56 -10.66
C1 GOL H . -9.19 -20.17 -10.60
O1 GOL H . -9.18 -21.40 -11.26
C2 GOL H . -10.59 -19.58 -10.45
O2 GOL H . -11.51 -20.48 -9.87
C3 GOL H . -11.11 -19.15 -11.81
O3 GOL H . -10.79 -17.80 -11.98
C1 GOL I . 4.52 -15.74 3.47
O1 GOL I . 3.40 -16.60 3.46
C2 GOL I . 5.56 -16.36 4.36
O2 GOL I . 5.69 -17.72 4.03
C3 GOL I . 6.90 -15.66 4.22
O3 GOL I . 6.91 -14.49 5.01
#